data_4AG7
#
_entry.id   4AG7
#
_cell.length_a   86.072
_cell.length_b   86.072
_cell.length_c   77.285
_cell.angle_alpha   90.00
_cell.angle_beta   90.00
_cell.angle_gamma   120.00
#
_symmetry.space_group_name_H-M   'P 61'
#
loop_
_entity.id
_entity.type
_entity.pdbx_description
1 polymer 'GLUCOSAMINE-6-PHOSPHATE N-ACETYLTRANSFERASE'
2 non-polymer 'COENZYME A'
3 water water
#
_entity_poly.entity_id   1
_entity_poly.type   'polypeptide(L)'
_entity_poly.pdbx_seq_one_letter_code
;MSHIFDASVLAPHIPSNLPDNFKVRPLAKDDFSKGYVDLLSQLTSVGNLDQEAFEKRFEAMRTSVPNYHIVVIEDSNSQK
VVASASLVVEMKFIHGAGSRGRVEDVVVDTEMRRQKLGAVLLKTLVSLGKSLGVYKISLECVPELLPFYSQFGFQDDCNF
MTQRF
;
_entity_poly.pdbx_strand_id   A,B
#
# COMPACT_ATOMS: atom_id res chain seq x y z
N MET A 1 20.34 16.22 -1.35
CA MET A 1 19.91 17.44 -0.64
C MET A 1 18.91 17.04 0.50
N SER A 2 17.62 17.33 0.34
CA SER A 2 16.63 16.87 1.25
C SER A 2 16.46 15.32 1.38
N HIS A 3 15.91 14.94 2.53
CA HIS A 3 15.62 13.55 2.81
C HIS A 3 14.19 13.27 2.49
N ILE A 4 13.88 12.00 2.15
CA ILE A 4 12.49 11.72 1.79
C ILE A 4 11.55 11.66 2.98
N PHE A 5 12.15 11.50 4.16
CA PHE A 5 11.44 11.63 5.43
C PHE A 5 12.48 11.99 6.48
N ASP A 6 12.01 12.42 7.66
CA ASP A 6 12.87 12.97 8.66
C ASP A 6 13.76 11.92 9.26
N ALA A 7 15.09 12.12 9.18
CA ALA A 7 16.06 11.13 9.69
C ALA A 7 15.92 10.90 11.18
N SER A 8 15.33 11.92 11.84
CA SER A 8 15.01 11.79 13.30
C SER A 8 13.99 10.72 13.63
N VAL A 9 13.03 10.45 12.75
CA VAL A 9 12.05 9.42 12.99
C VAL A 9 12.70 8.02 12.80
N LEU A 10 13.67 7.93 11.90
CA LEU A 10 14.36 6.67 11.65
C LEU A 10 15.35 6.31 12.77
N ALA A 11 16.03 7.32 13.35
CA ALA A 11 17.19 7.06 14.22
C ALA A 11 17.02 5.97 15.33
N PRO A 12 15.87 5.98 16.06
CA PRO A 12 15.80 4.99 17.14
C PRO A 12 15.75 3.59 16.67
N HIS A 13 15.55 3.36 15.35
CA HIS A 13 15.25 2.05 14.81
C HIS A 13 16.45 1.36 14.16
N ILE A 14 17.56 2.08 14.01
CA ILE A 14 18.73 1.55 13.29
C ILE A 14 19.51 0.73 14.28
N PRO A 15 19.75 -0.54 13.99
CA PRO A 15 20.60 -1.38 14.87
C PRO A 15 22.01 -0.87 14.94
N SER A 16 22.83 -1.47 15.80
CA SER A 16 24.20 -0.96 16.01
C SER A 16 25.29 -1.93 15.56
N ASN A 17 24.88 -2.99 14.86
CA ASN A 17 25.80 -4.04 14.50
C ASN A 17 26.37 -3.97 13.08
N LEU A 18 26.48 -2.77 12.49
CA LEU A 18 27.12 -2.68 11.17
C LEU A 18 28.43 -1.95 11.26
N PRO A 19 29.37 -2.34 10.38
CA PRO A 19 30.62 -1.60 10.33
C PRO A 19 30.44 -0.09 10.14
N ASP A 20 31.41 0.70 10.61
CA ASP A 20 31.28 2.16 10.59
C ASP A 20 31.18 2.79 9.17
N ASN A 21 31.60 2.05 8.15
CA ASN A 21 31.52 2.60 6.80
C ASN A 21 30.08 2.61 6.27
N PHE A 22 29.17 1.91 6.96
CA PHE A 22 27.74 1.92 6.58
C PHE A 22 26.93 2.99 7.22
N LYS A 23 26.19 3.77 6.44
CA LYS A 23 25.31 4.74 7.04
C LYS A 23 23.88 4.42 6.61
N VAL A 24 23.04 4.16 7.61
CA VAL A 24 21.61 3.87 7.34
C VAL A 24 20.89 5.20 7.38
N ARG A 25 20.09 5.60 6.38
CA ARG A 25 19.46 6.89 6.41
C ARG A 25 18.28 6.92 5.41
N PRO A 26 17.40 7.89 5.46
CA PRO A 26 16.41 8.08 4.39
C PRO A 26 17.08 8.30 3.03
N LEU A 27 16.42 7.81 1.96
CA LEU A 27 16.76 8.30 0.71
C LEU A 27 16.84 9.85 0.63
N ALA A 28 17.79 10.31 -0.18
CA ALA A 28 18.00 11.71 -0.38
C ALA A 28 17.88 12.09 -1.83
N LYS A 29 17.63 13.36 -2.03
CA LYS A 29 17.32 13.84 -3.38
C LYS A 29 18.51 13.64 -4.31
N ASP A 30 19.75 13.67 -3.80
CA ASP A 30 20.85 13.57 -4.68
C ASP A 30 21.42 12.16 -4.72
N ASP A 31 20.59 11.19 -4.29
CA ASP A 31 20.99 9.81 -4.40
C ASP A 31 21.01 9.23 -5.82
N PHE A 32 20.37 9.95 -6.72
CA PHE A 32 20.62 9.62 -8.13
C PHE A 32 22.12 9.62 -8.44
N SER A 33 22.82 10.65 -8.01
CA SER A 33 24.26 10.72 -8.32
C SER A 33 25.06 9.74 -7.51
N LYS A 34 24.43 9.07 -6.55
CA LYS A 34 25.08 8.04 -5.72
C LYS A 34 24.70 6.60 -6.17
N GLY A 35 24.17 6.50 -7.40
CA GLY A 35 23.88 5.15 -7.95
C GLY A 35 22.56 4.48 -7.56
N TYR A 36 21.60 5.27 -7.12
CA TYR A 36 20.35 4.66 -6.66
C TYR A 36 19.60 3.95 -7.78
N VAL A 37 19.61 4.58 -8.93
CA VAL A 37 18.87 3.93 -10.05
C VAL A 37 19.59 2.65 -10.41
N ASP A 38 20.95 2.61 -10.41
CA ASP A 38 21.65 1.38 -10.69
C ASP A 38 21.34 0.28 -9.70
N LEU A 39 21.12 0.65 -8.42
CA LEU A 39 20.71 -0.27 -7.42
C LEU A 39 19.31 -0.88 -7.72
N LEU A 40 18.39 0.02 -8.03
CA LEU A 40 17.02 -0.44 -8.33
C LEU A 40 17.07 -1.35 -9.56
N SER A 41 18.00 -1.05 -10.47
CA SER A 41 18.04 -1.91 -11.71
C SER A 41 18.43 -3.31 -11.38
N GLN A 42 19.06 -3.56 -10.23
CA GLN A 42 19.37 -4.90 -9.84
C GLN A 42 18.13 -5.66 -9.36
N LEU A 43 17.12 -4.93 -8.89
CA LEU A 43 15.88 -5.48 -8.40
C LEU A 43 14.94 -5.83 -9.55
N THR A 44 14.72 -4.89 -10.46
CA THR A 44 13.68 -5.00 -11.50
C THR A 44 14.02 -4.02 -12.59
N SER A 45 13.07 -3.77 -13.49
CA SER A 45 13.25 -2.77 -14.47
C SER A 45 12.92 -1.36 -13.94
N VAL A 46 13.85 -0.40 -14.17
CA VAL A 46 13.50 0.96 -13.90
C VAL A 46 12.79 1.69 -15.05
N GLY A 47 12.54 0.98 -16.17
CA GLY A 47 11.84 1.64 -17.31
C GLY A 47 12.60 2.90 -17.71
N ASN A 48 11.90 3.98 -18.03
CA ASN A 48 12.62 5.17 -18.50
C ASN A 48 12.97 6.15 -17.42
N LEU A 49 13.00 5.69 -16.17
CA LEU A 49 13.34 6.61 -15.06
C LEU A 49 14.67 7.26 -15.36
N ASP A 50 14.70 8.59 -15.26
CA ASP A 50 15.92 9.38 -15.41
C ASP A 50 15.92 10.39 -14.28
N GLN A 51 16.95 11.24 -14.23
CA GLN A 51 17.12 12.03 -13.03
C GLN A 51 15.99 13.00 -12.80
N GLU A 52 15.46 13.64 -13.86
CA GLU A 52 14.35 14.55 -13.69
C GLU A 52 13.11 13.79 -13.15
N ALA A 53 12.86 12.58 -13.66
CA ALA A 53 11.65 11.88 -13.20
C ALA A 53 11.89 11.43 -11.76
N PHE A 54 13.15 11.10 -11.44
CA PHE A 54 13.51 10.63 -10.09
C PHE A 54 13.28 11.76 -9.11
N GLU A 55 13.77 12.95 -9.43
CA GLU A 55 13.55 14.09 -8.56
C GLU A 55 12.08 14.48 -8.40
N LYS A 56 11.31 14.44 -9.51
CA LYS A 56 9.88 14.79 -9.44
C LYS A 56 9.16 13.76 -8.52
N ARG A 57 9.35 12.47 -8.78
CA ARG A 57 8.75 11.43 -7.95
C ARG A 57 9.20 11.56 -6.47
N PHE A 58 10.49 11.83 -6.29
CA PHE A 58 11.00 12.00 -4.90
C PHE A 58 10.26 13.11 -4.18
N GLU A 59 10.06 14.23 -4.87
CA GLU A 59 9.22 15.30 -4.25
C GLU A 59 7.79 14.87 -3.94
N ALA A 60 7.17 14.13 -4.88
CA ALA A 60 5.82 13.70 -4.62
C ALA A 60 5.73 12.78 -3.38
N MET A 61 6.74 11.92 -3.25
CA MET A 61 6.77 11.02 -2.08
C MET A 61 7.11 11.81 -0.79
N ARG A 62 7.99 12.78 -0.92
CA ARG A 62 8.45 13.47 0.26
C ARG A 62 7.27 14.24 0.86
N THR A 63 6.33 14.75 0.07
CA THR A 63 5.24 15.44 0.73
C THR A 63 4.06 14.62 1.20
N SER A 64 4.15 13.31 0.99
CA SER A 64 3.09 12.38 1.42
C SER A 64 3.08 12.21 2.92
N VAL A 65 1.86 12.02 3.47
CA VAL A 65 1.68 11.65 4.87
C VAL A 65 0.61 10.57 4.80
N PRO A 66 0.91 9.35 5.27
CA PRO A 66 2.18 8.94 5.92
C PRO A 66 3.37 9.07 4.97
N ASN A 67 4.53 9.24 5.59
CA ASN A 67 5.75 9.33 4.78
C ASN A 67 5.98 8.05 4.02
N TYR A 68 6.67 8.18 2.88
CA TYR A 68 7.34 7.02 2.27
C TYR A 68 8.65 6.79 2.95
N HIS A 69 8.71 5.68 3.70
CA HIS A 69 9.94 5.43 4.57
C HIS A 69 10.89 4.64 3.70
N ILE A 70 11.54 5.29 2.73
CA ILE A 70 12.52 4.57 1.88
C ILE A 70 13.90 4.76 2.55
N VAL A 71 14.38 3.69 3.12
CA VAL A 71 15.61 3.67 3.93
C VAL A 71 16.74 3.10 3.10
N VAL A 72 17.89 3.77 3.01
CA VAL A 72 18.97 3.25 2.19
C VAL A 72 20.17 3.04 3.08
N ILE A 73 21.16 2.33 2.58
CA ILE A 73 22.46 2.25 3.24
C ILE A 73 23.51 2.75 2.26
N GLU A 74 24.23 3.82 2.68
CA GLU A 74 25.34 4.38 1.91
C GLU A 74 26.66 3.78 2.44
N ASP A 75 27.48 3.27 1.53
CA ASP A 75 28.80 2.76 1.87
C ASP A 75 29.75 3.96 1.76
N SER A 76 30.27 4.43 2.90
CA SER A 76 31.14 5.59 2.89
C SER A 76 32.45 5.34 2.14
N ASN A 77 32.88 4.08 2.02
CA ASN A 77 34.10 3.80 1.26
C ASN A 77 33.96 4.24 -0.21
N SER A 78 32.73 4.16 -0.78
CA SER A 78 32.56 4.52 -2.19
C SER A 78 31.59 5.66 -2.36
N GLN A 79 30.85 6.02 -1.29
CA GLN A 79 29.80 7.00 -1.36
C GLN A 79 28.71 6.63 -2.34
N LYS A 80 28.47 5.32 -2.46
CA LYS A 80 27.32 4.84 -3.30
C LYS A 80 26.28 4.27 -2.39
N VAL A 81 25.01 4.32 -2.82
CA VAL A 81 23.91 3.64 -2.10
C VAL A 81 23.94 2.19 -2.48
N VAL A 82 24.05 1.34 -1.46
CA VAL A 82 24.28 -0.06 -1.68
C VAL A 82 23.13 -1.04 -1.21
N ALA A 83 22.13 -0.44 -0.64
CA ALA A 83 20.97 -1.22 -0.19
C ALA A 83 19.85 -0.24 -0.05
N SER A 84 18.65 -0.78 -0.25
CA SER A 84 17.41 0.00 -0.09
C SER A 84 16.24 -0.89 0.32
N ALA A 85 15.34 -0.34 1.14
CA ALA A 85 14.08 -1.04 1.44
C ALA A 85 13.05 -0.02 1.80
N SER A 86 11.76 -0.22 1.46
CA SER A 86 10.74 0.78 1.65
C SER A 86 9.69 0.31 2.60
N LEU A 87 9.34 1.15 3.61
CA LEU A 87 8.15 0.82 4.37
C LEU A 87 7.09 1.82 3.98
N VAL A 88 5.99 1.34 3.34
CA VAL A 88 4.94 2.18 2.76
C VAL A 88 3.69 1.89 3.62
N VAL A 89 3.03 2.96 4.05
CA VAL A 89 1.97 2.79 4.99
C VAL A 89 0.69 3.30 4.37
N GLU A 90 -0.31 2.43 4.36
CA GLU A 90 -1.66 2.74 3.89
C GLU A 90 -2.54 3.08 5.10
N MET A 91 -3.23 4.23 5.03
CA MET A 91 -4.19 4.60 6.12
C MET A 91 -5.45 3.81 5.95
N LYS A 92 -6.06 3.42 7.07
CA LYS A 92 -7.36 2.66 7.00
C LYS A 92 -8.32 3.33 7.96
N PHE A 93 -9.55 2.92 7.87
CA PHE A 93 -10.56 3.20 8.95
C PHE A 93 -10.65 2.03 9.92
N ILE A 94 -10.54 0.78 9.42
CA ILE A 94 -10.57 -0.34 10.32
C ILE A 94 -9.45 -0.27 11.42
N HIS A 95 -9.65 -0.96 12.54
CA HIS A 95 -8.70 -0.99 13.69
C HIS A 95 -8.53 0.36 14.24
N GLY A 96 -9.61 1.13 14.18
CA GLY A 96 -9.56 2.43 14.88
C GLY A 96 -8.72 3.43 14.16
N ALA A 97 -8.99 3.60 12.88
CA ALA A 97 -8.22 4.41 11.94
C ALA A 97 -6.74 3.95 12.05
N GLY A 98 -6.51 2.65 11.85
CA GLY A 98 -5.18 2.06 11.96
C GLY A 98 -4.46 2.20 10.62
N SER A 99 -3.29 1.60 10.57
CA SER A 99 -2.42 1.79 9.41
C SER A 99 -1.90 0.43 9.02
N ARG A 100 -1.74 0.19 7.72
CA ARG A 100 -1.33 -1.09 7.19
C ARG A 100 0.05 -0.89 6.52
N GLY A 101 1.07 -1.59 6.97
CA GLY A 101 2.41 -1.36 6.46
C GLY A 101 2.85 -2.46 5.48
N ARG A 102 3.68 -2.05 4.52
CA ARG A 102 4.19 -2.99 3.49
C ARG A 102 5.63 -2.74 3.25
N VAL A 103 6.40 -3.78 3.28
CA VAL A 103 7.80 -3.66 3.03
C VAL A 103 8.04 -4.03 1.55
N GLU A 104 8.50 -3.01 0.83
CA GLU A 104 8.60 -3.12 -0.66
C GLU A 104 10.00 -2.81 -1.14
N ASP A 105 10.29 -3.27 -2.37
CA ASP A 105 11.52 -2.83 -3.11
C ASP A 105 12.79 -3.09 -2.29
N VAL A 106 12.84 -4.29 -1.76
CA VAL A 106 14.04 -4.64 -0.92
C VAL A 106 15.17 -5.10 -1.78
N VAL A 107 16.29 -4.38 -1.75
CA VAL A 107 17.43 -4.75 -2.60
C VAL A 107 18.78 -4.44 -1.96
N VAL A 108 19.70 -5.41 -2.00
CA VAL A 108 21.10 -5.10 -1.56
C VAL A 108 22.01 -5.32 -2.76
N ASP A 109 22.92 -4.40 -3.03
CA ASP A 109 23.87 -4.53 -4.17
C ASP A 109 24.48 -5.93 -4.26
N THR A 110 24.52 -6.55 -5.47
CA THR A 110 24.90 -7.95 -5.52
C THR A 110 26.28 -8.22 -4.91
N GLU A 111 27.24 -7.31 -5.04
CA GLU A 111 28.58 -7.60 -4.42
C GLU A 111 28.56 -7.46 -2.89
N MET A 112 27.50 -6.88 -2.34
CA MET A 112 27.50 -6.47 -0.94
C MET A 112 26.64 -7.39 -0.13
N ARG A 113 26.17 -8.49 -0.72
CA ARG A 113 25.26 -9.39 -0.05
C ARG A 113 26.03 -10.23 0.98
N ARG A 114 25.29 -10.83 1.92
CA ARG A 114 25.87 -11.63 3.05
C ARG A 114 26.82 -10.81 3.92
N GLN A 115 26.60 -9.50 4.03
CA GLN A 115 27.28 -8.68 5.03
C GLN A 115 26.23 -8.13 6.01
N LYS A 116 25.04 -8.74 6.06
CA LYS A 116 23.94 -8.34 6.98
C LYS A 116 23.16 -7.06 6.61
N LEU A 117 23.41 -6.44 5.46
CA LEU A 117 22.77 -5.19 5.20
C LEU A 117 21.26 -5.52 5.07
N GLY A 118 20.89 -6.65 4.44
CA GLY A 118 19.45 -6.99 4.27
C GLY A 118 18.70 -7.13 5.60
N ALA A 119 19.34 -7.85 6.51
CA ALA A 119 18.72 -8.03 7.83
C ALA A 119 18.62 -6.75 8.58
N VAL A 120 19.64 -5.88 8.50
CA VAL A 120 19.61 -4.59 9.10
C VAL A 120 18.43 -3.76 8.59
N LEU A 121 18.22 -3.72 7.29
CA LEU A 121 17.06 -3.01 6.81
C LEU A 121 15.72 -3.61 7.23
N LEU A 122 15.58 -4.91 7.21
CA LEU A 122 14.25 -5.44 7.54
C LEU A 122 14.02 -5.21 9.05
N LYS A 123 15.06 -5.36 9.87
CA LYS A 123 14.91 -5.13 11.33
C LYS A 123 14.51 -3.69 11.61
N THR A 124 15.13 -2.74 10.91
CA THR A 124 14.89 -1.32 11.07
C THR A 124 13.46 -1.05 10.67
N LEU A 125 13.04 -1.54 9.47
CA LEU A 125 11.68 -1.26 9.07
C LEU A 125 10.58 -1.92 9.89
N VAL A 126 10.79 -3.16 10.32
CA VAL A 126 9.86 -3.78 11.24
C VAL A 126 9.74 -3.00 12.55
N SER A 127 10.85 -2.50 13.04
CA SER A 127 10.77 -1.77 14.33
C SER A 127 10.07 -0.42 14.11
N LEU A 128 10.36 0.21 12.97
CA LEU A 128 9.78 1.50 12.65
C LEU A 128 8.25 1.29 12.47
N GLY A 129 7.84 0.27 11.70
CA GLY A 129 6.45 0.14 11.47
C GLY A 129 5.66 -0.24 12.73
N LYS A 130 6.23 -1.07 13.59
CA LYS A 130 5.55 -1.37 14.88
C LYS A 130 5.39 -0.10 15.66
N SER A 131 6.51 0.68 15.76
CA SER A 131 6.46 1.91 16.54
C SER A 131 5.43 2.86 15.96
N LEU A 132 5.27 2.87 14.61
CA LEU A 132 4.31 3.79 14.06
C LEU A 132 2.91 3.44 14.37
N GLY A 133 2.65 2.22 14.85
CA GLY A 133 1.35 1.75 15.22
C GLY A 133 0.67 0.89 14.17
N VAL A 134 1.44 0.41 13.17
CA VAL A 134 0.78 -0.39 12.12
C VAL A 134 0.15 -1.66 12.73
N TYR A 135 -1.03 -2.10 12.27
CA TYR A 135 -1.64 -3.32 12.90
C TYR A 135 -1.18 -4.59 12.15
N LYS A 136 -0.71 -4.46 10.90
CA LYS A 136 -0.35 -5.63 10.09
C LYS A 136 0.74 -5.17 9.15
N ILE A 137 1.77 -5.93 8.98
CA ILE A 137 2.83 -5.53 8.04
C ILE A 137 3.00 -6.77 7.16
N SER A 138 3.35 -6.52 5.89
CA SER A 138 3.50 -7.66 4.96
C SER A 138 4.67 -7.42 3.98
N LEU A 139 5.10 -8.50 3.37
CA LEU A 139 6.22 -8.47 2.42
C LEU A 139 5.75 -9.38 1.31
N GLU A 140 5.91 -8.88 0.09
CA GLU A 140 5.60 -9.63 -1.15
C GLU A 140 6.97 -10.07 -1.63
N CYS A 141 7.24 -11.36 -1.46
CA CYS A 141 8.43 -11.97 -1.92
C CYS A 141 8.22 -13.48 -1.94
N VAL A 142 9.16 -14.15 -2.64
CA VAL A 142 9.30 -15.55 -2.50
C VAL A 142 9.97 -15.78 -1.17
N PRO A 143 9.43 -16.62 -0.33
CA PRO A 143 10.07 -17.06 0.91
C PRO A 143 10.91 -18.38 0.71
N GLU A 144 11.63 -18.52 -0.41
CA GLU A 144 12.89 -19.28 -0.44
C GLU A 144 13.65 -18.54 0.65
N LEU A 145 13.30 -17.27 0.86
CA LEU A 145 13.91 -16.41 1.90
C LEU A 145 13.47 -16.75 3.34
N LEU A 146 13.09 -18.04 3.54
CA LEU A 146 12.51 -18.68 4.78
C LEU A 146 13.27 -18.36 6.06
N PRO A 147 14.53 -18.86 6.18
CA PRO A 147 15.33 -18.47 7.33
C PRO A 147 15.20 -16.99 7.59
N PHE A 148 15.22 -16.20 6.51
CA PHE A 148 15.49 -14.81 6.67
C PHE A 148 14.27 -14.08 7.33
N TYR A 149 13.11 -14.16 6.70
CA TYR A 149 12.01 -13.27 7.11
C TYR A 149 11.35 -13.63 8.43
N SER A 150 11.42 -14.91 8.76
CA SER A 150 10.72 -15.49 9.87
C SER A 150 11.33 -14.99 11.17
N GLN A 151 12.60 -14.61 11.19
CA GLN A 151 13.13 -14.26 12.48
C GLN A 151 12.69 -12.84 12.83
N PHE A 152 12.12 -12.11 11.88
CA PHE A 152 11.54 -10.82 12.23
C PHE A 152 10.01 -10.89 12.40
N GLY A 153 9.45 -12.11 12.45
CA GLY A 153 8.05 -12.26 12.74
C GLY A 153 7.14 -12.58 11.57
N PHE A 154 7.69 -12.57 10.35
CA PHE A 154 6.77 -12.76 9.17
C PHE A 154 6.42 -14.24 9.03
N GLN A 155 5.19 -14.52 8.62
CA GLN A 155 4.81 -15.92 8.46
C GLN A 155 4.26 -16.07 7.03
N ASP A 156 4.39 -17.25 6.44
CA ASP A 156 3.80 -17.46 5.11
C ASP A 156 2.31 -17.20 5.13
N ASP A 157 1.74 -16.63 4.05
CA ASP A 157 0.35 -16.23 4.02
C ASP A 157 -0.08 -16.31 2.58
N CYS A 158 -1.30 -16.76 2.34
CA CYS A 158 -1.70 -16.80 0.91
C CYS A 158 -2.97 -15.96 0.71
N ASN A 159 -3.22 -14.99 1.57
CA ASN A 159 -4.37 -14.08 1.40
C ASN A 159 -4.00 -12.92 0.50
N PHE A 160 -3.56 -13.32 -0.71
CA PHE A 160 -3.02 -12.38 -1.69
C PHE A 160 -3.23 -12.93 -3.09
N MET A 161 -3.64 -12.04 -4.02
CA MET A 161 -4.00 -12.50 -5.37
C MET A 161 -3.47 -11.51 -6.38
N THR A 162 -3.00 -12.05 -7.48
CA THR A 162 -2.48 -11.24 -8.57
C THR A 162 -3.23 -11.58 -9.82
N GLN A 163 -2.99 -10.77 -10.82
CA GLN A 163 -3.69 -11.05 -12.09
C GLN A 163 -3.07 -12.23 -12.83
N ARG A 164 -3.95 -12.99 -13.50
CA ARG A 164 -3.48 -14.14 -14.32
C ARG A 164 -2.62 -13.67 -15.49
N PHE A 165 -2.98 -12.55 -16.12
CA PHE A 165 -2.24 -12.11 -17.32
C PHE A 165 -1.55 -10.76 -17.15
N SER B 2 -17.84 16.65 1.03
CA SER B 2 -16.40 16.26 1.05
C SER B 2 -16.49 14.81 0.58
N HIS B 3 -15.86 14.54 -0.58
CA HIS B 3 -15.71 13.22 -1.24
C HIS B 3 -14.32 12.82 -1.19
N ILE B 4 -14.06 11.51 -1.09
CA ILE B 4 -12.65 11.12 -0.82
C ILE B 4 -11.78 11.22 -2.04
N PHE B 5 -12.36 11.03 -3.22
CA PHE B 5 -11.74 11.25 -4.48
C PHE B 5 -12.80 11.67 -5.49
N ASP B 6 -12.40 11.97 -6.70
CA ASP B 6 -13.25 12.74 -7.64
C ASP B 6 -14.16 11.82 -8.35
N ALA B 7 -15.46 12.09 -8.15
CA ALA B 7 -16.47 11.36 -8.97
C ALA B 7 -16.28 11.35 -10.45
N SER B 8 -15.75 12.45 -11.03
CA SER B 8 -15.55 12.41 -12.47
C SER B 8 -14.47 11.35 -12.93
N VAL B 9 -13.53 11.07 -12.03
CA VAL B 9 -12.52 10.07 -12.33
C VAL B 9 -13.12 8.64 -12.23
N LEU B 10 -14.05 8.47 -11.26
CA LEU B 10 -14.73 7.21 -11.03
C LEU B 10 -15.68 6.93 -12.22
N ALA B 11 -16.33 7.99 -12.74
CA ALA B 11 -17.48 7.77 -13.72
C ALA B 11 -17.43 6.75 -14.87
N PRO B 12 -16.34 6.69 -15.68
CA PRO B 12 -16.29 5.76 -16.82
C PRO B 12 -16.21 4.30 -16.42
N HIS B 13 -15.89 4.04 -15.16
CA HIS B 13 -15.62 2.66 -14.73
C HIS B 13 -16.74 2.00 -14.02
N ILE B 14 -17.87 2.72 -13.80
CA ILE B 14 -19.01 2.11 -13.11
C ILE B 14 -19.78 1.34 -14.20
N PRO B 15 -20.01 0.02 -14.00
CA PRO B 15 -20.73 -0.74 -15.03
C PRO B 15 -22.17 -0.24 -15.27
N SER B 16 -22.68 -0.58 -16.44
CA SER B 16 -24.03 -0.18 -16.91
C SER B 16 -25.17 -0.95 -16.30
N ASN B 17 -26.35 -0.33 -16.33
CA ASN B 17 -27.63 -0.93 -15.86
C ASN B 17 -27.57 -1.80 -14.58
N LEU B 18 -27.02 -1.21 -13.51
CA LEU B 18 -27.22 -1.71 -12.14
C LEU B 18 -28.63 -1.26 -11.73
N PRO B 19 -29.26 -1.99 -10.81
CA PRO B 19 -30.62 -1.58 -10.40
C PRO B 19 -30.64 -0.18 -9.76
N ASP B 20 -31.77 0.53 -9.92
CA ASP B 20 -31.75 1.97 -9.66
C ASP B 20 -31.76 2.28 -8.18
N ASN B 21 -31.92 1.29 -7.29
CA ASN B 21 -31.88 1.65 -5.88
C ASN B 21 -30.40 1.79 -5.37
N PHE B 22 -29.48 1.45 -6.26
CA PHE B 22 -28.02 1.52 -5.99
C PHE B 22 -27.22 2.67 -6.59
N LYS B 23 -26.50 3.41 -5.77
CA LYS B 23 -25.68 4.49 -6.31
C LYS B 23 -24.20 4.17 -5.93
N VAL B 24 -23.37 4.08 -6.94
CA VAL B 24 -21.92 3.77 -6.85
C VAL B 24 -21.21 5.14 -6.84
N ARG B 25 -20.41 5.44 -5.84
CA ARG B 25 -19.80 6.77 -5.80
C ARG B 25 -18.64 6.71 -4.88
N PRO B 26 -17.82 7.78 -4.87
CA PRO B 26 -16.84 7.88 -3.78
C PRO B 26 -17.41 7.92 -2.38
N LEU B 27 -16.67 7.38 -1.39
CA LEU B 27 -16.93 7.55 0.03
C LEU B 27 -17.06 9.08 0.36
N ALA B 28 -18.03 9.43 1.23
CA ALA B 28 -18.29 10.83 1.52
C ALA B 28 -18.11 11.04 3.03
N LYS B 29 -17.78 12.27 3.42
CA LYS B 29 -17.53 12.52 4.82
C LYS B 29 -18.77 12.23 5.65
N ASP B 30 -19.98 12.40 5.08
CA ASP B 30 -21.20 12.14 5.86
C ASP B 30 -21.68 10.70 5.76
N ASP B 31 -20.82 9.80 5.25
CA ASP B 31 -21.24 8.41 5.15
C ASP B 31 -21.18 7.76 6.48
N PHE B 32 -20.48 8.39 7.47
CA PHE B 32 -20.55 7.91 8.85
C PHE B 32 -22.06 7.85 9.30
N SER B 33 -22.87 8.81 8.88
CA SER B 33 -24.25 8.78 9.32
C SER B 33 -25.07 7.80 8.45
N LYS B 34 -24.44 7.19 7.43
CA LYS B 34 -25.19 6.29 6.53
C LYS B 34 -24.71 4.83 6.77
N GLY B 35 -24.18 4.58 7.97
CA GLY B 35 -23.89 3.25 8.51
C GLY B 35 -22.56 2.70 7.98
N TYR B 36 -21.64 3.60 7.65
CA TYR B 36 -20.34 3.06 7.11
C TYR B 36 -19.60 2.19 8.10
N VAL B 37 -19.55 2.56 9.39
CA VAL B 37 -18.83 1.79 10.41
C VAL B 37 -19.42 0.39 10.61
N ASP B 38 -20.75 0.32 10.61
CA ASP B 38 -21.42 -0.95 10.72
C ASP B 38 -21.15 -1.86 9.51
N LEU B 39 -20.97 -1.26 8.34
CA LEU B 39 -20.55 -2.04 7.16
C LEU B 39 -19.11 -2.54 7.35
N LEU B 40 -18.16 -1.65 7.71
CA LEU B 40 -16.78 -2.16 7.90
C LEU B 40 -16.63 -3.21 8.98
N SER B 41 -17.45 -3.14 10.04
CA SER B 41 -17.40 -4.14 11.08
C SER B 41 -17.61 -5.56 10.60
N GLN B 42 -18.20 -5.68 9.43
CA GLN B 42 -18.48 -6.98 8.90
C GLN B 42 -17.28 -7.59 8.21
N LEU B 43 -16.17 -6.84 8.28
CA LEU B 43 -14.92 -7.23 7.70
C LEU B 43 -13.94 -7.50 8.79
N THR B 44 -13.88 -6.65 9.81
CA THR B 44 -12.99 -6.89 10.93
C THR B 44 -13.23 -5.81 12.02
N SER B 45 -12.36 -5.88 13.08
CA SER B 45 -12.44 -4.97 14.26
C SER B 45 -12.31 -3.51 13.69
N VAL B 46 -13.21 -2.63 14.09
CA VAL B 46 -13.12 -1.22 13.68
C VAL B 46 -12.61 -0.42 14.85
N GLY B 47 -12.37 -1.06 15.99
CA GLY B 47 -11.90 -0.29 17.12
C GLY B 47 -12.89 0.74 17.63
N ASN B 48 -12.39 1.85 18.18
CA ASN B 48 -13.25 2.89 18.67
C ASN B 48 -13.40 4.07 17.71
N LEU B 49 -13.84 3.72 16.51
CA LEU B 49 -14.00 4.68 15.44
C LEU B 49 -15.27 5.53 15.62
N ASP B 50 -15.17 6.67 16.28
CA ASP B 50 -16.37 7.49 16.35
C ASP B 50 -16.40 8.53 15.21
N GLN B 51 -17.43 9.37 15.17
CA GLN B 51 -17.51 10.38 14.11
C GLN B 51 -16.27 11.29 14.06
N GLU B 52 -15.77 11.73 15.22
CA GLU B 52 -14.66 12.66 15.21
C GLU B 52 -13.41 11.97 14.57
N ALA B 53 -13.14 10.73 14.99
CA ALA B 53 -11.96 10.01 14.48
C ALA B 53 -12.15 9.68 13.02
N PHE B 54 -13.39 9.37 12.61
CA PHE B 54 -13.72 9.06 11.23
C PHE B 54 -13.37 10.29 10.40
N GLU B 55 -13.97 11.41 10.77
CA GLU B 55 -13.70 12.60 10.02
C GLU B 55 -12.23 13.04 9.98
N LYS B 56 -11.46 12.85 11.06
CA LYS B 56 -10.04 13.22 11.05
C LYS B 56 -9.30 12.35 10.00
N ARG B 57 -9.58 11.03 10.07
CA ARG B 57 -8.96 10.08 9.15
C ARG B 57 -9.43 10.32 7.73
N PHE B 58 -10.73 10.51 7.49
CA PHE B 58 -11.22 10.82 6.16
C PHE B 58 -10.51 12.07 5.51
N GLU B 59 -10.28 13.11 6.30
CA GLU B 59 -9.61 14.28 5.77
C GLU B 59 -8.13 13.99 5.46
N ALA B 60 -7.46 13.22 6.32
CA ALA B 60 -6.06 12.87 6.07
C ALA B 60 -5.98 12.12 4.73
N MET B 61 -6.93 11.22 4.49
CA MET B 61 -6.96 10.49 3.21
C MET B 61 -7.39 11.34 2.02
N ARG B 62 -8.38 12.22 2.20
CA ARG B 62 -8.87 13.06 1.06
C ARG B 62 -7.71 13.96 0.47
N THR B 63 -6.77 14.38 1.35
CA THR B 63 -5.70 15.31 0.88
C THR B 63 -4.44 14.63 0.35
N SER B 64 -4.38 13.28 0.51
CA SER B 64 -3.26 12.47 0.02
C SER B 64 -3.33 12.33 -1.46
N VAL B 65 -2.16 12.40 -2.09
CA VAL B 65 -2.01 12.13 -3.54
C VAL B 65 -0.92 11.07 -3.66
N PRO B 66 -1.18 9.92 -4.34
CA PRO B 66 -2.49 9.57 -5.00
C PRO B 66 -3.59 9.46 -4.02
N ASN B 67 -4.79 9.70 -4.57
CA ASN B 67 -5.95 9.65 -3.67
C ASN B 67 -6.19 8.20 -3.20
N TYR B 68 -6.96 8.10 -2.13
CA TYR B 68 -7.51 6.80 -1.67
C TYR B 68 -8.85 6.61 -2.45
N HIS B 69 -8.86 5.65 -3.40
CA HIS B 69 -10.06 5.47 -4.23
C HIS B 69 -10.97 4.52 -3.51
N ILE B 70 -11.69 5.05 -2.51
CA ILE B 70 -12.70 4.24 -1.79
C ILE B 70 -14.07 4.41 -2.45
N VAL B 71 -14.59 3.33 -2.98
CA VAL B 71 -15.86 3.39 -3.78
C VAL B 71 -16.88 2.68 -2.91
N VAL B 72 -18.03 3.32 -2.73
CA VAL B 72 -19.09 2.70 -1.96
C VAL B 72 -20.35 2.66 -2.83
N ILE B 73 -21.27 1.80 -2.36
CA ILE B 73 -22.62 1.71 -2.99
C ILE B 73 -23.61 2.04 -1.89
N GLU B 74 -24.43 3.06 -2.19
CA GLU B 74 -25.57 3.43 -1.29
C GLU B 74 -26.88 2.84 -1.88
N ASP B 75 -27.66 2.23 -1.00
CA ASP B 75 -28.97 1.66 -1.35
C ASP B 75 -30.04 2.69 -0.86
N SER B 76 -30.85 3.14 -1.81
CA SER B 76 -32.09 3.97 -1.61
C SER B 76 -33.02 3.40 -0.59
N ASN B 77 -33.31 2.12 -0.73
CA ASN B 77 -34.31 1.50 0.07
C ASN B 77 -33.99 1.54 1.55
N SER B 78 -32.79 2.01 1.89
CA SER B 78 -32.40 2.16 3.27
C SER B 78 -31.64 3.45 3.55
N GLN B 79 -31.25 4.13 2.47
CA GLN B 79 -30.29 5.25 2.49
C GLN B 79 -29.06 4.90 3.35
N LYS B 80 -28.57 3.63 3.23
CA LYS B 80 -27.39 3.18 3.96
C LYS B 80 -26.32 2.77 2.86
N VAL B 81 -25.04 2.96 3.23
CA VAL B 81 -23.92 2.36 2.48
C VAL B 81 -23.94 0.86 2.72
N VAL B 82 -24.09 0.13 1.62
CA VAL B 82 -24.19 -1.33 1.69
C VAL B 82 -22.97 -2.05 1.14
N ALA B 83 -21.98 -1.32 0.58
CA ALA B 83 -20.84 -2.08 -0.02
C ALA B 83 -19.75 -1.04 -0.14
N SER B 84 -18.51 -1.51 -0.02
CA SER B 84 -17.29 -0.66 -0.04
C SER B 84 -16.12 -1.46 -0.57
N ALA B 85 -15.28 -0.79 -1.34
CA ALA B 85 -14.00 -1.38 -1.79
C ALA B 85 -13.02 -0.27 -2.05
N SER B 86 -11.75 -0.56 -1.77
CA SER B 86 -10.78 0.50 -1.94
C SER B 86 -9.71 0.21 -2.93
N LEU B 87 -9.40 1.16 -3.80
CA LEU B 87 -8.19 0.98 -4.61
C LEU B 87 -7.19 2.01 -4.18
N VAL B 88 -6.06 1.50 -3.64
CA VAL B 88 -5.00 2.31 -2.99
C VAL B 88 -3.78 2.19 -3.84
N VAL B 89 -3.09 3.30 -4.13
CA VAL B 89 -2.06 3.33 -5.14
C VAL B 89 -0.73 3.76 -4.46
N GLU B 90 0.28 2.94 -4.67
CA GLU B 90 1.61 3.12 -4.05
C GLU B 90 2.49 3.67 -5.23
N MET B 91 3.05 4.89 -5.05
CA MET B 91 4.05 5.37 -5.98
C MET B 91 5.38 4.59 -5.92
N LYS B 92 6.02 4.43 -7.04
CA LYS B 92 7.32 3.72 -7.13
C LYS B 92 8.35 4.62 -7.82
N PHE B 93 9.63 4.23 -7.72
CA PHE B 93 10.59 4.68 -8.69
C PHE B 93 10.76 3.71 -9.89
N ILE B 94 10.68 2.40 -9.57
CA ILE B 94 10.78 1.36 -10.62
C ILE B 94 9.64 1.55 -11.66
N HIS B 95 9.89 0.94 -12.80
CA HIS B 95 8.88 1.01 -13.92
C HIS B 95 8.60 2.42 -14.36
N GLY B 96 9.68 3.21 -14.53
CA GLY B 96 9.53 4.57 -15.03
C GLY B 96 8.74 5.47 -14.08
N ALA B 97 9.03 5.38 -12.78
CA ALA B 97 8.26 6.05 -11.74
C ALA B 97 6.79 5.66 -11.87
N GLY B 98 6.66 4.37 -11.97
CA GLY B 98 5.35 3.71 -12.04
C GLY B 98 4.56 3.71 -10.76
N SER B 99 3.33 3.12 -10.86
CA SER B 99 2.50 2.99 -9.70
C SER B 99 1.82 1.66 -9.57
N ARG B 100 1.74 1.24 -8.31
CA ARG B 100 1.22 -0.10 -7.92
C ARG B 100 -0.17 0.02 -7.29
N GLY B 101 -1.17 -0.71 -7.82
CA GLY B 101 -2.53 -0.60 -7.25
C GLY B 101 -2.92 -1.83 -6.46
N ARG B 102 -3.64 -1.59 -5.38
CA ARG B 102 -4.06 -2.64 -4.44
C ARG B 102 -5.49 -2.47 -4.14
N VAL B 103 -6.27 -3.56 -4.36
CA VAL B 103 -7.70 -3.56 -4.02
C VAL B 103 -7.84 -4.13 -2.64
N GLU B 104 -8.43 -3.34 -1.74
CA GLU B 104 -8.43 -3.62 -0.33
C GLU B 104 -9.82 -3.36 0.31
N ASP B 105 -9.99 -3.91 1.52
CA ASP B 105 -11.23 -3.58 2.35
C ASP B 105 -12.54 -3.78 1.50
N VAL B 106 -12.69 -4.90 0.83
CA VAL B 106 -13.87 -5.22 0.01
C VAL B 106 -14.95 -5.88 0.91
N VAL B 107 -16.12 -5.25 0.99
CA VAL B 107 -17.14 -5.79 1.97
C VAL B 107 -18.48 -5.36 1.47
N VAL B 108 -19.41 -6.34 1.51
CA VAL B 108 -20.84 -6.09 1.12
C VAL B 108 -21.71 -6.50 2.37
N ASP B 109 -22.71 -5.67 2.75
CA ASP B 109 -23.49 -5.96 3.95
C ASP B 109 -24.10 -7.39 3.81
N THR B 110 -24.12 -8.11 4.94
CA THR B 110 -24.49 -9.54 4.97
C THR B 110 -25.85 -9.73 4.34
N GLU B 111 -26.79 -8.80 4.59
CA GLU B 111 -28.16 -8.91 3.99
C GLU B 111 -28.22 -8.62 2.52
N MET B 112 -27.15 -8.01 1.98
CA MET B 112 -27.23 -7.63 0.55
C MET B 112 -26.28 -8.43 -0.39
N ARG B 113 -25.80 -9.58 0.11
CA ARG B 113 -24.86 -10.43 -0.65
C ARG B 113 -25.57 -11.23 -1.74
N ARG B 114 -24.82 -11.58 -2.78
CA ARG B 114 -25.24 -12.33 -3.94
C ARG B 114 -26.31 -11.59 -4.74
N GLN B 115 -26.14 -10.27 -4.82
CA GLN B 115 -26.86 -9.41 -5.74
C GLN B 115 -25.91 -8.66 -6.62
N LYS B 116 -24.68 -9.16 -6.79
CA LYS B 116 -23.70 -8.50 -7.73
C LYS B 116 -23.04 -7.21 -7.22
N LEU B 117 -23.27 -6.78 -5.98
CA LEU B 117 -22.63 -5.56 -5.48
C LEU B 117 -21.12 -5.74 -5.44
N GLY B 118 -20.69 -6.91 -5.01
CA GLY B 118 -19.21 -7.17 -4.86
C GLY B 118 -18.61 -7.14 -6.27
N ALA B 119 -19.26 -7.78 -7.21
CA ALA B 119 -18.82 -7.79 -8.59
C ALA B 119 -18.72 -6.42 -9.25
N VAL B 120 -19.69 -5.57 -8.93
CA VAL B 120 -19.69 -4.24 -9.47
C VAL B 120 -18.49 -3.49 -8.92
N LEU B 121 -18.21 -3.71 -7.65
CA LEU B 121 -17.08 -2.99 -7.01
C LEU B 121 -15.77 -3.46 -7.64
N LEU B 122 -15.61 -4.79 -7.80
CA LEU B 122 -14.33 -5.27 -8.41
C LEU B 122 -14.16 -4.86 -9.84
N LYS B 123 -15.21 -4.94 -10.66
CA LYS B 123 -15.14 -4.49 -12.07
C LYS B 123 -14.77 -3.02 -12.14
N THR B 124 -15.41 -2.20 -11.28
CA THR B 124 -15.12 -0.79 -11.20
C THR B 124 -13.68 -0.53 -10.83
N LEU B 125 -13.21 -1.16 -9.76
CA LEU B 125 -11.85 -0.81 -9.39
C LEU B 125 -10.74 -1.39 -10.30
N VAL B 126 -10.96 -2.55 -10.92
CA VAL B 126 -9.96 -3.01 -11.86
C VAL B 126 -9.88 -2.08 -13.08
N SER B 127 -11.06 -1.58 -13.53
CA SER B 127 -11.12 -0.68 -14.68
C SER B 127 -10.50 0.65 -14.34
N LEU B 128 -10.70 1.14 -13.10
CA LEU B 128 -10.14 2.44 -12.66
C LEU B 128 -8.59 2.27 -12.51
N GLY B 129 -8.18 1.13 -11.99
CA GLY B 129 -6.72 0.93 -11.79
C GLY B 129 -6.05 0.94 -13.15
N LYS B 130 -6.66 0.32 -14.17
CA LYS B 130 -6.07 0.33 -15.51
C LYS B 130 -5.96 1.73 -16.05
N SER B 131 -6.97 2.58 -15.83
CA SER B 131 -6.94 4.00 -16.25
C SER B 131 -5.89 4.82 -15.59
N LEU B 132 -5.60 4.45 -14.35
CA LEU B 132 -4.59 5.21 -13.58
C LEU B 132 -3.19 4.80 -14.04
N GLY B 133 -3.08 3.79 -14.93
CA GLY B 133 -1.77 3.39 -15.44
C GLY B 133 -0.95 2.53 -14.50
N VAL B 134 -1.60 1.87 -13.57
CA VAL B 134 -0.84 1.03 -12.64
C VAL B 134 -0.19 -0.13 -13.43
N TYR B 135 1.09 -0.44 -13.14
CA TYR B 135 1.70 -1.53 -13.85
C TYR B 135 1.30 -2.91 -13.24
N LYS B 136 0.85 -2.96 -11.97
CA LYS B 136 0.44 -4.26 -11.38
C LYS B 136 -0.64 -3.94 -10.42
N ILE B 137 -1.71 -4.77 -10.46
CA ILE B 137 -2.73 -4.66 -9.44
C ILE B 137 -2.88 -5.95 -8.63
N SER B 138 -3.17 -5.83 -7.39
CA SER B 138 -3.39 -7.01 -6.60
C SER B 138 -4.55 -6.89 -5.68
N LEU B 139 -4.97 -8.01 -5.09
CA LEU B 139 -6.15 -8.08 -4.21
C LEU B 139 -5.74 -8.82 -3.00
N GLU B 140 -6.24 -8.38 -1.83
CA GLU B 140 -6.07 -9.23 -0.66
C GLU B 140 -7.44 -9.69 -0.27
N CYS B 141 -7.60 -10.99 -0.22
CA CYS B 141 -8.91 -11.64 0.04
C CYS B 141 -8.55 -12.99 0.62
N VAL B 142 -9.54 -13.85 0.81
CA VAL B 142 -9.34 -15.17 1.35
C VAL B 142 -9.53 -16.22 0.26
N PRO B 143 -8.70 -17.28 0.26
CA PRO B 143 -8.73 -18.22 -0.87
C PRO B 143 -10.05 -18.93 -1.12
N GLU B 144 -10.85 -19.10 -0.05
CA GLU B 144 -12.20 -19.64 -0.14
C GLU B 144 -13.03 -18.86 -1.11
N LEU B 145 -12.66 -17.59 -1.36
CA LEU B 145 -13.50 -16.79 -2.24
C LEU B 145 -13.02 -16.82 -3.71
N LEU B 146 -12.14 -17.78 -4.04
CA LEU B 146 -11.73 -17.92 -5.44
C LEU B 146 -12.89 -17.88 -6.48
N PRO B 147 -14.06 -18.48 -6.15
CA PRO B 147 -15.09 -18.40 -7.17
C PRO B 147 -15.63 -17.00 -7.44
N PHE B 148 -15.44 -16.08 -6.51
CA PHE B 148 -15.74 -14.67 -6.71
C PHE B 148 -14.60 -13.97 -7.48
N TYR B 149 -13.42 -13.93 -6.88
CA TYR B 149 -12.41 -13.05 -7.51
C TYR B 149 -11.82 -13.51 -8.83
N SER B 150 -12.00 -14.81 -9.13
CA SER B 150 -11.43 -15.33 -10.36
C SER B 150 -12.16 -14.74 -11.50
N GLN B 151 -13.36 -14.23 -11.24
CA GLN B 151 -14.16 -13.61 -12.34
C GLN B 151 -13.59 -12.24 -12.83
N PHE B 152 -12.63 -11.66 -12.12
CA PHE B 152 -12.04 -10.36 -12.41
C PHE B 152 -10.54 -10.52 -12.56
N GLY B 153 -10.09 -11.75 -12.87
CA GLY B 153 -8.73 -11.91 -13.41
C GLY B 153 -7.79 -12.31 -12.27
N PHE B 154 -8.33 -12.38 -11.08
CA PHE B 154 -7.40 -12.62 -9.99
C PHE B 154 -7.19 -14.12 -9.71
N GLN B 155 -5.99 -14.49 -9.29
CA GLN B 155 -5.68 -15.84 -8.83
C GLN B 155 -4.73 -15.80 -7.61
N ASP B 156 -4.72 -16.90 -6.86
CA ASP B 156 -4.04 -16.94 -5.58
C ASP B 156 -2.52 -16.83 -5.85
N ASP B 157 -1.86 -16.10 -4.93
CA ASP B 157 -0.44 -15.86 -5.09
C ASP B 157 0.15 -15.96 -3.71
N CYS B 158 0.90 -17.05 -3.52
CA CYS B 158 1.34 -17.30 -2.14
C CYS B 158 2.75 -16.74 -1.88
N ASN B 159 3.31 -15.90 -2.75
CA ASN B 159 4.63 -15.22 -2.52
C ASN B 159 4.32 -13.97 -1.70
N PHE B 160 4.04 -14.25 -0.41
CA PHE B 160 3.47 -13.22 0.42
C PHE B 160 3.71 -13.74 1.88
N MET B 161 4.06 -12.75 2.71
CA MET B 161 4.29 -13.08 4.15
C MET B 161 3.69 -11.95 4.96
N THR B 162 3.17 -12.23 6.18
CA THR B 162 2.49 -11.22 6.94
C THR B 162 2.74 -11.46 8.41
N GLN B 163 2.51 -10.39 9.16
CA GLN B 163 2.39 -10.54 10.62
C GLN B 163 1.51 -9.46 11.18
N ARG B 164 0.78 -9.80 12.27
CA ARG B 164 -0.05 -8.84 12.96
C ARG B 164 0.73 -8.38 14.16
N PHE B 165 0.75 -7.07 14.40
CA PHE B 165 1.47 -6.56 15.55
C PHE B 165 0.53 -6.47 16.73
#